data_2R9V
#
_entry.id   2R9V
#
_cell.length_a   97.410
_cell.length_b   97.410
_cell.length_c   219.380
_cell.angle_alpha   90.000
_cell.angle_beta   90.000
_cell.angle_gamma   90.000
#
_symmetry.space_group_name_H-M   'P 41 21 2'
#
loop_
_entity.id
_entity.type
_entity.pdbx_description
1 polymer 'ATP synthase subunit alpha'
2 non-polymer 'MAGNESIUM ION'
3 non-polymer 'CHLORIDE ION'
4 non-polymer "ADENOSINE-5'-TRIPHOSPHATE"
5 non-polymer 'TETRAETHYLENE GLYCOL'
6 water water
#
_entity_poly.entity_id   1
_entity_poly.type   'polypeptide(L)'
_entity_poly.pdbx_seq_one_letter_code
;(MSE)GSDKIHHHHHHLRINPGEITKVLEEKIKSFEEKIDLEDTGKVIQVGDGIARAYGLNKV(MSE)VSELVEFVETGV
KGVAFNLEEDNVGIIILGEYKDIKEGHTVRRLKRIIEVPVGEELLGRVVNPLGEPLDGKGPINAKNFRPIEIKAPGVIYR
KPVDTPLQTGIKAIDS(MSE)IPIGRGQRELIIGDRQTGKTAIAIDTIINQKGQGVYCIYVAIGQKKSAIARIIDKLRQY
GA(MSE)EYTTVVVASASDPASLQYIAPYAGCA(MSE)GEYFAYSGRDALVVYDDLSKHAVAYRQLSLL(MSE)RRPPGR
EAYPGDIFYLHSRLLERAVRLNDKLGGGSLTALPIVETQANDISAYIPTNVISITDGQIYLEPGLFYAGQRPAINVGLSV
SRVGGSAQIKA(MSE)KQVAG(MSE)LRIDLAQYRELETFAQFATELDPATRAQIIRGQRL(MSE)ELLKQEQYSP
(MSE)PVEEQVVVLFAGVRGYLDDLPVEEVRRFEKEFLRF(MSE)HEKHQDILDDIKTKKELTSETEEKLKKAIEEFKTT
FRV
;
_entity_poly.pdbx_strand_id   A
#
# COMPACT_ATOMS: atom_id res chain seq x y z
N LYS A 29 -13.62 46.63 33.45
CA LYS A 29 -13.96 45.46 32.52
C LYS A 29 -14.90 45.81 31.28
N SER A 30 -15.03 47.11 31.00
CA SER A 30 -15.83 47.62 29.87
C SER A 30 -15.50 46.91 28.50
N PHE A 31 -14.20 46.63 28.27
CA PHE A 31 -13.72 46.05 27.02
C PHE A 31 -12.81 44.86 27.23
N GLU A 32 -13.12 44.03 28.20
CA GLU A 32 -12.33 42.86 28.47
C GLU A 32 -12.69 41.82 27.44
N GLU A 33 -11.75 40.90 27.18
CA GLU A 33 -12.02 39.85 26.21
C GLU A 33 -13.02 38.87 26.79
N LYS A 34 -14.07 38.58 26.03
CA LYS A 34 -15.17 37.78 26.56
C LYS A 34 -14.90 36.24 26.56
N ILE A 35 -14.31 35.73 25.49
CA ILE A 35 -14.22 34.29 25.29
C ILE A 35 -13.03 33.56 25.93
N ASP A 36 -13.25 32.25 26.20
CA ASP A 36 -12.21 31.30 26.58
C ASP A 36 -11.38 30.93 25.37
N LEU A 37 -10.12 31.36 25.33
CA LEU A 37 -9.29 31.16 24.12
C LEU A 37 -8.80 29.72 23.91
N GLU A 38 -8.92 28.88 24.93
CA GLU A 38 -8.46 27.51 24.83
C GLU A 38 -9.47 26.65 24.09
N ASP A 39 -10.74 26.83 24.41
CA ASP A 39 -11.81 26.00 23.86
C ASP A 39 -12.75 26.72 22.90
N THR A 40 -12.51 28.02 22.64
CA THR A 40 -13.43 28.85 21.89
C THR A 40 -12.61 29.70 20.93
N GLY A 41 -13.21 30.05 19.81
CA GLY A 41 -12.49 30.79 18.77
C GLY A 41 -13.42 31.64 17.95
N LYS A 42 -12.87 32.33 16.95
CA LYS A 42 -13.66 33.25 16.14
C LYS A 42 -13.17 33.13 14.72
N VAL A 43 -14.09 33.03 13.77
CA VAL A 43 -13.69 32.86 12.40
C VAL A 43 -13.09 34.16 11.97
N ILE A 44 -11.90 34.08 11.39
CA ILE A 44 -11.23 35.26 10.87
C ILE A 44 -11.10 35.27 9.34
N GLN A 45 -11.33 34.13 8.72
CA GLN A 45 -11.26 33.97 7.27
C GLN A 45 -12.03 32.71 6.93
N VAL A 46 -12.85 32.77 5.89
CA VAL A 46 -13.69 31.63 5.50
C VAL A 46 -13.94 31.63 4.01
N GLY A 47 -13.84 30.45 3.40
CA GLY A 47 -14.12 30.29 2.00
C GLY A 47 -13.61 28.98 1.45
N ASP A 48 -14.23 28.54 0.36
CA ASP A 48 -13.86 27.33 -0.38
C ASP A 48 -13.81 26.12 0.54
N GLY A 49 -14.77 26.07 1.48
CA GLY A 49 -14.92 24.98 2.45
C GLY A 49 -13.91 24.88 3.58
N ILE A 50 -13.26 26.00 3.87
CA ILE A 50 -12.22 26.08 4.89
C ILE A 50 -12.50 27.34 5.71
N ALA A 51 -12.07 27.33 6.96
CA ALA A 51 -12.08 28.52 7.83
C ALA A 51 -10.74 28.57 8.60
N ARG A 52 -10.37 29.78 9.03
CA ARG A 52 -9.23 30.06 9.90
C ARG A 52 -9.84 30.68 11.13
N ALA A 53 -9.36 30.29 12.30
CA ALA A 53 -9.93 30.82 13.52
C ALA A 53 -8.89 31.41 14.44
N TYR A 54 -9.27 32.52 15.07
CA TYR A 54 -8.55 33.01 16.22
C TYR A 54 -9.00 32.15 17.40
N GLY A 55 -8.08 31.90 18.35
CA GLY A 55 -8.38 31.10 19.51
C GLY A 55 -8.28 29.60 19.25
N LEU A 56 -9.12 28.83 19.94
CA LEU A 56 -9.09 27.38 19.92
C LEU A 56 -7.65 26.91 20.19
N ASN A 57 -6.98 27.58 21.13
CA ASN A 57 -5.55 27.31 21.46
C ASN A 57 -5.22 25.89 21.87
N LYS A 58 -6.20 25.12 22.36
CA LYS A 58 -5.98 23.76 22.81
C LYS A 58 -6.60 22.71 21.91
N VAL A 59 -6.98 23.09 20.70
CA VAL A 59 -7.58 22.13 19.80
C VAL A 59 -6.46 21.23 19.28
N VAL A 61 -5.23 18.12 16.27
CA VAL A 61 -5.45 17.77 14.86
C VAL A 61 -6.56 16.72 14.77
N SER A 62 -7.40 16.84 13.75
CA SER A 62 -8.57 15.99 13.51
C SER A 62 -9.66 16.03 14.54
N GLU A 63 -9.61 17.03 15.42
CA GLU A 63 -10.67 17.27 16.38
C GLU A 63 -11.83 17.96 15.74
N LEU A 64 -13.04 17.58 16.14
CA LEU A 64 -14.27 18.23 15.69
C LEU A 64 -14.49 19.52 16.42
N VAL A 65 -14.97 20.52 15.69
CA VAL A 65 -15.31 21.79 16.27
C VAL A 65 -16.72 22.09 15.78
N GLU A 66 -17.39 23.01 16.45
CA GLU A 66 -18.71 23.45 16.02
C GLU A 66 -18.75 24.96 15.83
N PHE A 67 -19.33 25.35 14.72
CA PHE A 67 -19.68 26.74 14.44
C PHE A 67 -21.03 27.00 15.08
N VAL A 68 -21.00 27.67 16.22
CA VAL A 68 -22.17 27.80 17.06
C VAL A 68 -23.40 28.37 16.35
N GLU A 69 -23.29 29.53 15.72
CA GLU A 69 -24.47 30.18 15.09
C GLU A 69 -25.19 29.27 14.07
N THR A 70 -24.41 28.65 13.20
CA THR A 70 -24.93 27.82 12.14
C THR A 70 -25.19 26.37 12.54
N GLY A 71 -24.50 25.85 13.56
CA GLY A 71 -24.64 24.43 13.93
C GLY A 71 -23.78 23.47 13.11
N VAL A 72 -23.15 23.98 12.07
CA VAL A 72 -22.26 23.21 11.23
C VAL A 72 -21.01 22.81 12.05
N LYS A 73 -20.39 21.71 11.64
CA LYS A 73 -19.24 21.17 12.32
C LYS A 73 -18.06 21.28 11.40
N GLY A 74 -16.86 21.18 11.97
CA GLY A 74 -15.63 21.16 11.18
C GLY A 74 -14.58 20.30 11.86
N VAL A 75 -13.45 20.13 11.18
CA VAL A 75 -12.38 19.32 11.66
C VAL A 75 -11.09 20.13 11.53
N ALA A 76 -10.33 20.20 12.62
CA ALA A 76 -9.07 20.95 12.64
C ALA A 76 -8.04 20.22 11.83
N PHE A 77 -7.34 20.92 10.92
CA PHE A 77 -6.22 20.31 10.21
C PHE A 77 -4.90 21.01 10.40
N ASN A 78 -4.92 22.19 10.98
CA ASN A 78 -3.69 22.93 11.21
C ASN A 78 -3.79 23.70 12.51
N LEU A 79 -2.74 23.61 13.33
CA LEU A 79 -2.76 24.13 14.68
C LEU A 79 -1.96 25.43 14.89
N GLU A 80 -1.79 26.18 13.83
CA GLU A 80 -1.08 27.42 13.94
C GLU A 80 -1.80 28.33 14.92
N GLU A 81 -1.03 28.89 15.87
CA GLU A 81 -1.60 29.65 16.96
C GLU A 81 -2.37 30.84 16.45
N ASP A 82 -3.64 30.85 16.83
CA ASP A 82 -4.56 31.90 16.49
C ASP A 82 -4.78 32.03 15.01
N ASN A 83 -4.54 30.93 14.28
CA ASN A 83 -4.79 30.84 12.85
C ASN A 83 -5.07 29.39 12.52
N VAL A 84 -5.94 28.78 13.30
CA VAL A 84 -6.27 27.38 13.16
C VAL A 84 -7.08 27.14 11.89
N GLY A 85 -6.62 26.14 11.10
CA GLY A 85 -7.28 25.75 9.87
C GLY A 85 -8.34 24.71 10.16
N ILE A 86 -9.55 24.95 9.65
CA ILE A 86 -10.68 24.08 9.89
C ILE A 86 -11.36 23.67 8.57
N ILE A 87 -11.49 22.35 8.36
CA ILE A 87 -12.26 21.81 7.23
C ILE A 87 -13.73 21.84 7.64
N ILE A 88 -14.55 22.54 6.89
CA ILE A 88 -15.97 22.63 7.25
C ILE A 88 -16.67 21.40 6.68
N LEU A 89 -17.48 20.72 7.51
CA LEU A 89 -18.16 19.52 7.08
C LEU A 89 -19.52 19.96 6.62
N GLY A 90 -19.71 20.02 5.31
CA GLY A 90 -21.01 20.45 4.75
C GLY A 90 -21.08 21.90 4.28
N GLU A 91 -22.22 22.55 4.54
CA GLU A 91 -22.48 23.91 4.02
C GLU A 91 -21.66 24.98 4.68
N TYR A 92 -20.72 25.52 3.91
CA TYR A 92 -19.88 26.59 4.39
C TYR A 92 -20.37 27.96 4.01
N LYS A 93 -21.43 28.06 3.24
CA LYS A 93 -21.88 29.37 2.74
C LYS A 93 -22.44 30.26 3.85
N ASP A 94 -22.88 29.64 4.93
CA ASP A 94 -23.51 30.39 6.02
C ASP A 94 -22.54 30.85 7.10
N ILE A 95 -21.28 30.43 7.01
CA ILE A 95 -20.28 30.76 8.03
C ILE A 95 -19.59 32.08 7.67
N LYS A 96 -19.63 33.00 8.60
CA LYS A 96 -19.11 34.33 8.42
C LYS A 96 -17.97 34.64 9.36
N GLU A 97 -17.14 35.58 8.94
CA GLU A 97 -16.13 36.14 9.82
C GLU A 97 -16.85 36.62 11.06
N GLY A 98 -16.27 36.36 12.23
CA GLY A 98 -16.83 36.81 13.47
C GLY A 98 -17.63 35.76 14.19
N HIS A 99 -18.01 34.68 13.49
CA HIS A 99 -18.74 33.58 14.10
C HIS A 99 -17.87 32.86 15.08
N THR A 100 -18.50 32.39 16.13
CA THR A 100 -17.86 31.66 17.20
C THR A 100 -17.71 30.20 16.84
N VAL A 101 -16.56 29.64 17.22
CA VAL A 101 -16.21 28.25 17.04
C VAL A 101 -15.87 27.69 18.42
N ARG A 102 -16.32 26.47 18.68
CA ARG A 102 -16.19 25.81 19.95
C ARG A 102 -15.60 24.40 19.75
N ARG A 103 -14.58 24.05 20.53
CA ARG A 103 -14.02 22.71 20.53
C ARG A 103 -15.08 21.70 20.93
N LEU A 104 -15.16 20.58 20.22
CA LEU A 104 -16.00 19.48 20.68
C LEU A 104 -15.17 18.41 21.39
N LYS A 105 -13.84 18.52 21.35
CA LYS A 105 -12.95 17.66 22.16
C LYS A 105 -13.01 16.18 21.81
N ARG A 106 -13.44 15.93 20.57
CA ARG A 106 -13.63 14.58 20.03
CA ARG A 106 -13.74 14.63 20.01
C ARG A 106 -12.94 14.49 18.68
N ILE A 107 -12.09 13.48 18.52
CA ILE A 107 -11.48 13.23 17.21
C ILE A 107 -12.60 12.65 16.31
N ILE A 108 -12.73 13.20 15.12
CA ILE A 108 -13.75 12.77 14.18
C ILE A 108 -13.63 11.26 13.92
N GLU A 109 -14.77 10.59 13.93
CA GLU A 109 -14.83 9.16 13.78
C GLU A 109 -15.47 8.74 12.49
N VAL A 110 -15.10 7.56 12.04
CA VAL A 110 -15.70 6.95 10.84
C VAL A 110 -16.25 5.60 11.25
N PRO A 111 -17.29 5.14 10.54
CA PRO A 111 -17.80 3.79 10.71
C PRO A 111 -16.74 2.84 10.24
N VAL A 112 -16.56 1.75 10.96
CA VAL A 112 -15.59 0.71 10.63
C VAL A 112 -16.27 -0.66 10.79
N GLY A 113 -15.67 -1.69 10.22
CA GLY A 113 -16.12 -3.08 10.44
C GLY A 113 -16.69 -3.88 9.28
N GLU A 114 -17.22 -5.04 9.65
CA GLU A 114 -17.74 -6.00 8.69
C GLU A 114 -18.79 -5.39 7.76
N GLU A 115 -19.55 -4.44 8.26
CA GLU A 115 -20.61 -3.78 7.48
C GLU A 115 -20.04 -2.98 6.32
N LEU A 116 -18.74 -2.67 6.37
CA LEU A 116 -18.14 -1.94 5.27
C LEU A 116 -17.53 -2.85 4.19
N LEU A 117 -17.45 -4.14 4.48
CA LEU A 117 -16.84 -5.02 3.51
C LEU A 117 -17.77 -5.07 2.30
N GLY A 118 -17.23 -4.99 1.11
CA GLY A 118 -18.05 -5.00 -0.08
C GLY A 118 -18.54 -3.63 -0.51
N ARG A 119 -18.26 -2.63 0.31
CA ARG A 119 -18.73 -1.27 0.05
C ARG A 119 -17.68 -0.29 -0.48
N VAL A 120 -18.17 0.72 -1.22
CA VAL A 120 -17.36 1.84 -1.71
C VAL A 120 -17.88 3.04 -0.90
N VAL A 121 -16.98 3.71 -0.16
CA VAL A 121 -17.40 4.84 0.69
C VAL A 121 -16.48 6.01 0.47
N ASN A 122 -16.92 7.22 0.86
CA ASN A 122 -16.03 8.39 0.89
C ASN A 122 -15.28 8.42 2.21
N PRO A 123 -14.35 9.37 2.37
CA PRO A 123 -13.59 9.32 3.63
C PRO A 123 -14.35 9.52 4.92
N LEU A 124 -15.59 9.98 4.85
CA LEU A 124 -16.43 10.14 6.05
C LEU A 124 -17.31 8.94 6.27
N GLY A 125 -17.20 7.97 5.38
CA GLY A 125 -17.91 6.72 5.56
C GLY A 125 -19.26 6.68 4.87
N GLU A 126 -19.54 7.68 4.04
CA GLU A 126 -20.80 7.73 3.33
C GLU A 126 -20.70 6.83 2.12
N PRO A 127 -21.75 6.09 1.80
CA PRO A 127 -21.70 5.18 0.66
C PRO A 127 -21.74 5.87 -0.69
N LEU A 128 -21.05 5.30 -1.66
CA LEU A 128 -20.99 5.83 -3.00
C LEU A 128 -21.35 4.77 -4.03
N ASP A 129 -21.94 3.66 -3.58
CA ASP A 129 -22.19 2.52 -4.47
C ASP A 129 -23.66 2.21 -4.69
N GLY A 130 -24.54 3.01 -4.11
CA GLY A 130 -25.98 2.82 -4.25
C GLY A 130 -26.55 1.62 -3.50
N LYS A 131 -25.73 0.92 -2.73
CA LYS A 131 -26.22 -0.26 -2.03
C LYS A 131 -26.94 0.04 -0.70
N GLY A 132 -27.12 1.30 -0.35
CA GLY A 132 -27.86 1.67 0.86
C GLY A 132 -27.00 2.09 2.03
N PRO A 133 -27.63 2.39 3.16
CA PRO A 133 -26.85 2.74 4.33
C PRO A 133 -25.93 1.63 4.78
N ILE A 134 -24.87 2.01 5.48
CA ILE A 134 -23.90 1.07 6.01
C ILE A 134 -24.43 0.36 7.25
N ASN A 135 -25.13 1.11 8.10
CA ASN A 135 -25.64 0.57 9.36
C ASN A 135 -24.54 -0.06 10.19
N ALA A 136 -23.42 0.65 10.32
CA ALA A 136 -22.28 0.18 11.08
C ALA A 136 -22.60 0.08 12.55
N LYS A 137 -22.04 -0.93 13.19
CA LYS A 137 -22.21 -1.12 14.60
C LYS A 137 -21.00 -0.58 15.33
N ASN A 138 -19.88 -0.35 14.64
CA ASN A 138 -18.66 0.21 15.25
C ASN A 138 -18.08 1.45 14.57
N PHE A 139 -17.35 2.24 15.34
CA PHE A 139 -16.74 3.48 14.87
C PHE A 139 -15.36 3.62 15.51
N ARG A 140 -14.49 4.33 14.82
CA ARG A 140 -13.16 4.64 15.31
C ARG A 140 -12.79 6.04 14.87
N PRO A 141 -11.93 6.70 15.64
CA PRO A 141 -11.40 7.99 15.28
C PRO A 141 -10.39 7.89 14.16
N ILE A 142 -10.33 8.89 13.26
CA ILE A 142 -9.39 8.82 12.15
C ILE A 142 -7.91 8.94 12.56
N GLU A 143 -7.65 9.45 13.77
CA GLU A 143 -6.29 9.54 14.35
C GLU A 143 -6.23 8.84 15.66
N ILE A 144 -5.17 8.06 15.87
CA ILE A 144 -4.78 7.55 17.17
C ILE A 144 -3.27 7.68 17.23
N LYS A 145 -2.71 7.60 18.42
CA LYS A 145 -1.25 7.56 18.51
C LYS A 145 -0.83 6.11 18.29
N ALA A 146 0.17 5.91 17.45
CA ALA A 146 0.67 4.60 17.12
C ALA A 146 1.25 4.01 18.40
N PRO A 147 0.91 2.73 18.70
CA PRO A 147 1.43 2.10 19.91
C PRO A 147 2.95 2.02 19.88
N GLY A 148 3.55 2.02 21.07
CA GLY A 148 4.97 1.91 21.19
C GLY A 148 5.41 0.47 21.05
N VAL A 149 6.72 0.28 21.09
CA VAL A 149 7.31 -1.03 20.90
C VAL A 149 6.83 -2.03 21.94
N ILE A 150 6.47 -1.57 23.14
CA ILE A 150 5.99 -2.42 24.23
CA ILE A 150 6.06 -2.51 24.17
C ILE A 150 4.74 -3.21 23.80
N TYR A 151 4.00 -2.65 22.84
CA TYR A 151 2.74 -3.26 22.41
C TYR A 151 2.84 -4.11 21.14
N ARG A 152 4.03 -4.20 20.56
CA ARG A 152 4.27 -4.86 19.30
C ARG A 152 5.07 -6.11 19.50
N LYS A 153 5.09 -6.97 18.50
CA LYS A 153 6.01 -8.11 18.48
C LYS A 153 6.54 -8.19 17.06
N PRO A 154 7.61 -8.98 16.83
CA PRO A 154 8.20 -8.97 15.48
C PRO A 154 7.30 -9.56 14.41
N VAL A 155 7.42 -8.98 13.23
CA VAL A 155 6.75 -9.45 12.04
C VAL A 155 7.25 -10.87 11.75
N ASP A 156 6.30 -11.81 11.64
CA ASP A 156 6.66 -13.24 11.51
C ASP A 156 5.77 -14.05 10.55
N THR A 157 4.83 -13.42 9.86
CA THR A 157 3.90 -14.10 8.97
C THR A 157 3.90 -13.43 7.63
N PRO A 158 3.93 -14.19 6.54
CA PRO A 158 3.99 -13.52 5.27
C PRO A 158 2.66 -12.93 4.78
N LEU A 159 2.78 -11.87 4.01
CA LEU A 159 1.67 -11.31 3.23
C LEU A 159 2.04 -11.72 1.83
N GLN A 160 1.36 -12.74 1.30
CA GLN A 160 1.65 -13.20 -0.06
C GLN A 160 0.97 -12.29 -1.05
N THR A 161 1.78 -11.62 -1.87
CA THR A 161 1.24 -10.77 -2.93
C THR A 161 0.76 -11.61 -4.06
N GLY A 162 1.34 -12.82 -4.18
CA GLY A 162 1.07 -13.68 -5.33
C GLY A 162 1.82 -13.28 -6.59
N ILE A 163 2.73 -12.31 -6.47
CA ILE A 163 3.56 -11.78 -7.55
C ILE A 163 4.97 -12.32 -7.31
N LYS A 164 5.48 -13.12 -8.26
CA LYS A 164 6.71 -13.86 -8.07
C LYS A 164 7.88 -13.01 -7.67
N ALA A 165 8.04 -11.89 -8.35
CA ALA A 165 9.17 -10.97 -8.13
C ALA A 165 9.21 -10.48 -6.68
N ILE A 166 8.04 -10.23 -6.11
CA ILE A 166 7.96 -9.66 -4.77
C ILE A 166 8.05 -10.79 -3.79
N ASP A 167 7.23 -11.82 -3.96
CA ASP A 167 7.20 -12.87 -2.96
C ASP A 167 8.52 -13.62 -2.82
N SER A 168 9.33 -13.60 -3.89
CA SER A 168 10.66 -14.23 -3.85
C SER A 168 11.76 -13.27 -3.40
N ILE A 170 11.40 -9.71 -2.63
CA ILE A 170 11.07 -8.55 -1.75
C ILE A 170 9.95 -8.98 -0.80
N PRO A 171 10.16 -10.04 -0.03
CA PRO A 171 9.02 -10.58 0.71
C PRO A 171 8.46 -9.56 1.74
N ILE A 172 7.13 -9.47 1.80
CA ILE A 172 6.44 -8.59 2.71
C ILE A 172 5.89 -9.43 3.87
N GLY A 173 6.07 -8.93 5.09
CA GLY A 173 5.49 -9.53 6.25
C GLY A 173 4.30 -8.73 6.77
N ARG A 174 3.35 -9.43 7.37
CA ARG A 174 2.20 -8.81 7.98
C ARG A 174 2.60 -7.92 9.16
N GLY A 175 2.18 -6.66 9.07
CA GLY A 175 2.51 -5.63 10.04
C GLY A 175 3.46 -4.58 9.52
N GLN A 176 4.09 -4.82 8.38
CA GLN A 176 5.11 -3.91 7.93
C GLN A 176 4.56 -2.82 7.06
N ARG A 177 5.46 -1.89 6.72
CA ARG A 177 5.23 -0.77 5.83
C ARG A 177 6.08 -1.01 4.61
N GLU A 178 5.44 -1.22 3.45
CA GLU A 178 6.16 -1.44 2.21
C GLU A 178 5.78 -0.38 1.16
N LEU A 179 6.76 0.38 0.74
CA LEU A 179 6.55 1.38 -0.31
C LEU A 179 6.57 0.75 -1.70
N ILE A 180 5.63 1.20 -2.53
CA ILE A 180 5.64 0.94 -3.95
C ILE A 180 5.85 2.31 -4.57
N ILE A 181 6.97 2.47 -5.28
CA ILE A 181 7.39 3.74 -5.82
C ILE A 181 7.90 3.64 -7.27
N GLY A 182 7.58 4.67 -8.07
CA GLY A 182 8.04 4.75 -9.45
C GLY A 182 7.25 5.76 -10.23
N ASP A 183 7.64 6.00 -11.47
CA ASP A 183 7.03 7.03 -12.33
C ASP A 183 5.65 6.67 -12.68
N ARG A 184 4.94 7.61 -13.30
CA ARG A 184 3.57 7.31 -13.75
C ARG A 184 3.60 6.17 -14.76
N GLN A 185 2.53 5.38 -14.75
CA GLN A 185 2.31 4.34 -15.74
C GLN A 185 3.42 3.30 -15.73
N THR A 186 3.95 3.00 -14.56
CA THR A 186 4.93 1.94 -14.44
C THR A 186 4.32 0.68 -13.86
N GLY A 187 3.03 0.71 -13.47
CA GLY A 187 2.38 -0.46 -12.92
C GLY A 187 2.16 -0.51 -11.42
N LYS A 188 2.23 0.64 -10.75
CA LYS A 188 2.11 0.71 -9.27
C LYS A 188 0.75 0.20 -8.70
N THR A 189 -0.35 0.79 -9.17
CA THR A 189 -1.69 0.34 -8.76
C THR A 189 -1.90 -1.14 -9.03
N ALA A 190 -1.48 -1.60 -10.20
CA ALA A 190 -1.54 -3.03 -10.60
C ALA A 190 -0.98 -3.97 -9.55
N ILE A 191 0.20 -3.68 -9.00
CA ILE A 191 0.79 -4.52 -7.94
C ILE A 191 -0.15 -4.55 -6.73
N ALA A 192 -0.53 -3.37 -6.29
CA ALA A 192 -1.40 -3.19 -5.17
C ALA A 192 -2.71 -3.95 -5.35
N ILE A 193 -3.35 -3.81 -6.50
CA ILE A 193 -4.66 -4.43 -6.71
C ILE A 193 -4.51 -5.95 -6.88
N ASP A 194 -3.46 -6.39 -7.53
CA ASP A 194 -3.22 -7.85 -7.59
C ASP A 194 -2.96 -8.46 -6.22
N THR A 195 -2.23 -7.72 -5.37
CA THR A 195 -2.02 -8.14 -4.00
C THR A 195 -3.37 -8.33 -3.29
N ILE A 196 -4.26 -7.39 -3.45
CA ILE A 196 -5.59 -7.47 -2.84
C ILE A 196 -6.34 -8.68 -3.37
N ILE A 197 -6.30 -8.86 -4.69
CA ILE A 197 -7.02 -9.98 -5.34
C ILE A 197 -6.51 -11.28 -4.76
N ASN A 198 -5.22 -11.34 -4.50
CA ASN A 198 -4.60 -12.54 -3.90
C ASN A 198 -4.94 -12.84 -2.45
N GLN A 199 -5.63 -11.95 -1.76
CA GLN A 199 -5.85 -12.22 -0.34
C GLN A 199 -7.05 -13.12 -0.09
N LYS A 200 -7.74 -13.52 -1.15
CA LYS A 200 -8.81 -14.50 -1.01
C LYS A 200 -8.26 -15.75 -0.31
N GLY A 201 -8.82 -16.10 0.82
CA GLY A 201 -8.38 -17.26 1.58
C GLY A 201 -7.13 -17.05 2.40
N GLN A 202 -6.53 -15.85 2.34
CA GLN A 202 -5.32 -15.54 3.11
C GLN A 202 -5.62 -14.99 4.54
N GLY A 203 -6.87 -14.71 4.85
CA GLY A 203 -7.26 -14.17 6.14
C GLY A 203 -6.83 -12.72 6.32
N VAL A 204 -6.97 -11.91 5.27
CA VAL A 204 -6.52 -10.51 5.32
C VAL A 204 -7.67 -9.61 4.83
N TYR A 205 -8.13 -8.70 5.70
CA TYR A 205 -9.15 -7.74 5.31
C TYR A 205 -8.43 -6.56 4.62
N CYS A 206 -8.97 -6.12 3.47
CA CYS A 206 -8.25 -5.13 2.64
C CYS A 206 -8.99 -3.80 2.55
N ILE A 207 -8.21 -2.71 2.60
CA ILE A 207 -8.76 -1.37 2.52
C ILE A 207 -8.00 -0.66 1.38
N TYR A 208 -8.69 -0.33 0.29
CA TYR A 208 -8.03 0.35 -0.84
C TYR A 208 -8.42 1.79 -0.80
N VAL A 209 -7.44 2.68 -0.58
CA VAL A 209 -7.68 4.13 -0.56
C VAL A 209 -7.25 4.84 -1.87
N ALA A 210 -8.24 5.28 -2.64
CA ALA A 210 -7.99 6.04 -3.87
C ALA A 210 -7.90 7.54 -3.51
N ILE A 211 -6.74 8.15 -3.69
CA ILE A 211 -6.52 9.54 -3.33
C ILE A 211 -6.20 10.36 -4.55
N GLY A 212 -7.16 11.16 -5.04
CA GLY A 212 -6.89 12.12 -6.13
C GLY A 212 -6.92 11.61 -7.55
N GLN A 213 -7.23 10.33 -7.71
CA GLN A 213 -7.31 9.73 -9.03
C GLN A 213 -8.62 10.13 -9.68
N LYS A 214 -8.68 10.12 -11.01
CA LYS A 214 -9.93 10.40 -11.71
C LYS A 214 -11.02 9.39 -11.40
N LYS A 215 -12.25 9.85 -11.30
CA LYS A 215 -13.40 8.99 -11.03
C LYS A 215 -13.42 7.79 -11.96
N SER A 216 -13.16 8.04 -13.23
CA SER A 216 -13.23 7.00 -14.26
C SER A 216 -12.25 5.86 -14.00
N ALA A 217 -11.03 6.21 -13.66
CA ALA A 217 -10.00 5.25 -13.36
C ALA A 217 -10.35 4.44 -12.11
N ILE A 218 -10.89 5.13 -11.10
CA ILE A 218 -11.24 4.47 -9.85
C ILE A 218 -12.35 3.47 -10.11
N ALA A 219 -13.33 3.87 -10.91
CA ALA A 219 -14.44 3.00 -11.29
C ALA A 219 -13.92 1.71 -11.91
N ARG A 220 -12.96 1.80 -12.81
CA ARG A 220 -12.37 0.63 -13.46
CA ARG A 220 -12.44 0.61 -13.44
C ARG A 220 -11.74 -0.29 -12.42
N ILE A 221 -11.07 0.30 -11.44
CA ILE A 221 -10.35 -0.48 -10.40
C ILE A 221 -11.35 -1.20 -9.52
N ILE A 222 -12.44 -0.53 -9.17
CA ILE A 222 -13.49 -1.14 -8.33
C ILE A 222 -14.09 -2.30 -9.13
N ASP A 223 -14.34 -2.08 -10.41
CA ASP A 223 -14.86 -3.17 -11.25
C ASP A 223 -13.95 -4.38 -11.29
N LYS A 224 -12.64 -4.19 -11.43
CA LYS A 224 -11.76 -5.32 -11.37
C LYS A 224 -11.81 -6.01 -10.01
N LEU A 225 -11.81 -5.25 -8.91
CA LEU A 225 -11.90 -5.86 -7.56
C LEU A 225 -13.17 -6.72 -7.43
N ARG A 226 -14.23 -6.24 -8.04
CA ARG A 226 -15.50 -6.99 -8.01
C ARG A 226 -15.38 -8.27 -8.82
N GLN A 227 -14.89 -8.10 -10.03
CA GLN A 227 -14.81 -9.19 -10.97
C GLN A 227 -13.93 -10.30 -10.55
N TYR A 228 -12.89 -9.96 -9.79
CA TYR A 228 -11.88 -10.94 -9.39
C TYR A 228 -12.18 -11.42 -7.96
N GLY A 229 -13.38 -11.10 -7.47
CA GLY A 229 -13.90 -11.58 -6.18
C GLY A 229 -13.35 -11.00 -4.87
N ALA A 230 -12.68 -9.87 -4.94
CA ALA A 230 -12.00 -9.27 -3.80
C ALA A 230 -12.91 -8.48 -2.86
N GLU A 232 -15.44 -9.12 -1.34
CA GLU A 232 -16.02 -9.90 -0.25
C GLU A 232 -15.30 -9.56 1.04
N TYR A 233 -13.99 -9.25 0.94
CA TYR A 233 -13.16 -8.92 2.10
C TYR A 233 -12.51 -7.54 1.97
N THR A 234 -13.05 -6.69 1.08
CA THR A 234 -12.42 -5.41 0.76
C THR A 234 -13.38 -4.22 0.88
N THR A 235 -12.83 -3.12 1.42
CA THR A 235 -13.51 -1.81 1.48
C THR A 235 -12.71 -0.80 0.65
N VAL A 236 -13.41 -0.08 -0.22
CA VAL A 236 -12.78 0.94 -1.05
C VAL A 236 -13.20 2.32 -0.51
N VAL A 237 -12.18 3.15 -0.21
CA VAL A 237 -12.36 4.54 0.26
C VAL A 237 -11.98 5.45 -0.90
N VAL A 238 -12.91 6.29 -1.38
CA VAL A 238 -12.63 7.13 -2.55
C VAL A 238 -12.62 8.61 -2.22
N ALA A 239 -11.57 9.33 -2.59
CA ALA A 239 -11.64 10.78 -2.66
C ALA A 239 -10.99 11.08 -4.02
N SER A 240 -11.80 11.36 -5.05
CA SER A 240 -11.30 11.50 -6.41
C SER A 240 -10.72 12.86 -6.72
N ALA A 241 -10.18 13.00 -7.93
CA ALA A 241 -9.66 14.24 -8.44
C ALA A 241 -10.71 15.34 -8.37
N SER A 242 -11.97 14.97 -8.46
CA SER A 242 -13.01 15.97 -8.47
C SER A 242 -13.56 16.28 -7.10
N ASP A 243 -13.08 15.58 -6.08
CA ASP A 243 -13.44 15.87 -4.70
C ASP A 243 -12.53 16.95 -4.12
N PRO A 244 -13.03 17.68 -3.12
CA PRO A 244 -12.19 18.71 -2.52
C PRO A 244 -10.95 18.16 -1.84
N ALA A 245 -9.92 19.00 -1.79
CA ALA A 245 -8.64 18.67 -1.20
C ALA A 245 -8.84 18.15 0.22
N SER A 246 -9.85 18.67 0.90
CA SER A 246 -10.12 18.27 2.29
C SER A 246 -10.44 16.78 2.41
N LEU A 247 -11.28 16.28 1.50
CA LEU A 247 -11.59 14.85 1.46
C LEU A 247 -10.36 14.00 1.06
N GLN A 248 -9.60 14.48 0.10
CA GLN A 248 -8.39 13.81 -0.27
C GLN A 248 -7.43 13.72 0.91
N TYR A 249 -7.38 14.77 1.72
CA TYR A 249 -6.45 14.83 2.85
C TYR A 249 -6.89 13.82 3.93
N ILE A 250 -8.18 13.71 4.15
CA ILE A 250 -8.72 12.83 5.22
C ILE A 250 -8.65 11.38 4.82
N ALA A 251 -8.80 11.13 3.53
CA ALA A 251 -8.89 9.74 2.95
C ALA A 251 -7.99 8.66 3.63
N PRO A 252 -6.68 8.86 3.63
CA PRO A 252 -5.86 7.77 4.16
C PRO A 252 -6.02 7.52 5.65
N TYR A 253 -6.37 8.57 6.40
CA TYR A 253 -6.54 8.47 7.87
C TYR A 253 -7.78 7.67 8.14
N ALA A 254 -8.81 7.92 7.35
CA ALA A 254 -10.09 7.18 7.47
C ALA A 254 -9.90 5.70 7.14
N GLY A 255 -9.21 5.45 6.02
CA GLY A 255 -8.84 4.11 5.60
C GLY A 255 -8.03 3.34 6.60
N CYS A 256 -7.04 3.99 7.20
CA CYS A 256 -6.22 3.35 8.25
C CYS A 256 -7.13 2.92 9.41
N ALA A 257 -8.03 3.81 9.84
CA ALA A 257 -8.96 3.53 10.94
C ALA A 257 -9.74 2.26 10.67
N GLY A 259 -8.97 -0.13 8.70
CA GLY A 259 -8.09 -1.29 8.86
C GLY A 259 -7.77 -1.62 10.30
N GLU A 260 -7.57 -0.59 11.14
CA GLU A 260 -7.25 -0.79 12.57
C GLU A 260 -8.36 -1.54 13.30
N TYR A 261 -9.59 -1.36 12.85
CA TYR A 261 -10.68 -2.12 13.45
C TYR A 261 -10.36 -3.62 13.49
N PHE A 262 -9.77 -4.16 12.40
CA PHE A 262 -9.45 -5.58 12.35
C PHE A 262 -8.16 -5.87 13.08
N ALA A 263 -7.17 -5.02 12.84
CA ALA A 263 -5.87 -5.21 13.48
C ALA A 263 -6.03 -5.30 14.97
N TYR A 264 -6.82 -4.41 15.56
CA TYR A 264 -6.98 -4.41 17.03
C TYR A 264 -7.97 -5.44 17.58
N SER A 265 -8.58 -6.25 16.71
CA SER A 265 -9.48 -7.31 17.12
C SER A 265 -8.98 -8.69 16.65
N GLY A 266 -7.67 -8.88 16.70
CA GLY A 266 -7.07 -10.19 16.50
C GLY A 266 -7.05 -10.66 15.07
N ARG A 267 -7.04 -9.71 14.14
CA ARG A 267 -7.16 -10.03 12.75
C ARG A 267 -6.13 -9.24 11.96
N ASP A 268 -5.98 -9.61 10.70
CA ASP A 268 -4.94 -9.03 9.87
C ASP A 268 -5.61 -8.20 8.80
N ALA A 269 -5.11 -6.99 8.61
CA ALA A 269 -5.62 -6.03 7.64
C ALA A 269 -4.48 -5.52 6.76
N LEU A 270 -4.83 -5.13 5.53
CA LEU A 270 -3.87 -4.50 4.60
C LEU A 270 -4.55 -3.23 4.09
N VAL A 271 -3.84 -2.11 4.17
CA VAL A 271 -4.36 -0.82 3.73
CA VAL A 271 -4.36 -0.82 3.71
C VAL A 271 -3.44 -0.30 2.63
N VAL A 272 -4.02 0.06 1.48
CA VAL A 272 -3.29 0.60 0.32
C VAL A 272 -3.57 2.07 0.20
N TYR A 273 -2.51 2.90 0.17
CA TYR A 273 -2.67 4.33 0.00
C TYR A 273 -2.23 4.71 -1.42
N ASP A 274 -3.22 4.89 -2.30
CA ASP A 274 -2.99 5.16 -3.71
C ASP A 274 -3.53 6.55 -4.17
N ASP A 275 -2.70 7.60 -4.09
CA ASP A 275 -1.30 7.55 -3.64
C ASP A 275 -0.95 8.72 -2.71
N LEU A 276 0.21 8.63 -2.06
CA LEU A 276 0.61 9.66 -1.10
C LEU A 276 1.17 10.93 -1.75
N SER A 277 1.54 10.84 -3.03
CA SER A 277 1.97 11.99 -3.80
C SER A 277 0.80 12.93 -3.99
N LYS A 278 -0.32 12.38 -4.44
CA LYS A 278 -1.54 13.17 -4.56
C LYS A 278 -2.01 13.66 -3.20
N HIS A 279 -1.84 12.86 -2.17
CA HIS A 279 -2.22 13.28 -0.83
C HIS A 279 -1.40 14.51 -0.40
N ALA A 280 -0.10 14.53 -0.68
CA ALA A 280 0.77 15.62 -0.30
C ALA A 280 0.29 16.89 -1.03
N VAL A 281 -0.06 16.74 -2.30
CA VAL A 281 -0.56 17.86 -3.09
C VAL A 281 -1.88 18.44 -2.51
N ALA A 282 -2.78 17.56 -2.09
CA ALA A 282 -4.01 17.98 -1.46
C ALA A 282 -3.76 18.67 -0.12
N TYR A 283 -2.87 18.15 0.69
CA TYR A 283 -2.57 18.81 1.94
C TYR A 283 -1.97 20.21 1.66
N ARG A 284 -1.16 20.31 0.62
CA ARG A 284 -0.57 21.59 0.29
CA ARG A 284 -0.57 21.59 0.29
C ARG A 284 -1.67 22.57 -0.16
N GLN A 285 -2.55 22.13 -1.06
CA GLN A 285 -3.65 22.98 -1.49
C GLN A 285 -4.52 23.42 -0.34
N LEU A 286 -4.79 22.58 0.63
CA LEU A 286 -5.57 23.00 1.80
C LEU A 286 -4.96 24.18 2.54
N SER A 287 -3.66 24.11 2.72
CA SER A 287 -2.90 25.14 3.38
C SER A 287 -2.94 26.44 2.58
N LEU A 288 -2.82 26.35 1.25
CA LEU A 288 -2.89 27.53 0.38
C LEU A 288 -4.29 28.17 0.14
N LEU A 289 -5.38 27.58 0.65
CA LEU A 289 -6.73 28.08 0.33
C LEU A 289 -7.05 29.35 1.07
N ARG A 291 -5.42 32.73 3.06
CA ARG A 291 -4.23 33.55 3.01
C ARG A 291 -3.52 33.51 4.37
N ARG A 292 -2.23 33.79 4.30
CA ARG A 292 -1.37 33.89 5.44
C ARG A 292 -1.80 35.11 6.24
N PRO A 293 -1.69 35.01 7.57
CA PRO A 293 -1.85 36.17 8.40
C PRO A 293 -0.76 37.18 8.05
N PRO A 294 -1.09 38.49 8.05
CA PRO A 294 -0.01 39.47 7.80
C PRO A 294 1.21 39.25 8.69
N GLY A 295 2.40 39.44 8.12
CA GLY A 295 3.62 39.43 8.89
C GLY A 295 4.04 38.07 9.38
N ARG A 296 3.55 37.02 8.75
CA ARG A 296 4.02 35.67 9.03
C ARG A 296 3.69 34.74 7.83
N GLU A 297 4.54 34.83 6.81
CA GLU A 297 4.34 34.16 5.49
C GLU A 297 4.82 32.68 5.41
N ALA A 298 5.50 32.19 6.45
CA ALA A 298 6.08 30.85 6.42
C ALA A 298 5.82 30.05 7.70
N TYR A 299 4.80 29.20 7.67
CA TYR A 299 4.64 28.19 8.71
C TYR A 299 5.24 26.87 8.15
N PRO A 300 6.06 26.16 8.96
CA PRO A 300 6.71 24.88 8.57
C PRO A 300 5.84 23.81 7.84
N GLY A 301 6.47 23.12 6.89
CA GLY A 301 5.86 22.06 6.11
C GLY A 301 6.04 20.72 6.81
N ASP A 302 4.97 20.23 7.39
CA ASP A 302 5.03 19.03 8.17
C ASP A 302 4.38 17.82 7.47
N ILE A 303 4.34 17.83 6.14
CA ILE A 303 3.89 16.67 5.37
C ILE A 303 4.72 15.42 5.75
N PHE A 304 5.97 15.61 6.14
CA PHE A 304 6.78 14.50 6.62
C PHE A 304 6.15 13.90 7.86
N TYR A 305 5.72 14.75 8.78
CA TYR A 305 5.10 14.26 9.99
C TYR A 305 3.71 13.69 9.76
N LEU A 306 2.97 14.26 8.81
CA LEU A 306 1.66 13.71 8.47
C LEU A 306 1.74 12.22 8.00
N HIS A 307 2.66 11.95 7.09
CA HIS A 307 2.90 10.58 6.59
C HIS A 307 3.61 9.68 7.60
N SER A 308 4.46 10.28 8.39
CA SER A 308 5.12 9.53 9.45
C SER A 308 4.09 8.99 10.43
N ARG A 309 3.17 9.84 10.87
CA ARG A 309 2.10 9.44 11.78
C ARG A 309 1.20 8.37 11.21
N LEU A 310 0.83 8.54 9.94
CA LEU A 310 -0.01 7.59 9.23
C LEU A 310 0.62 6.22 9.16
N LEU A 311 1.88 6.17 8.74
CA LEU A 311 2.55 4.90 8.50
C LEU A 311 2.99 4.16 9.77
N GLU A 312 3.30 4.91 10.82
CA GLU A 312 3.63 4.27 12.09
C GLU A 312 2.48 3.47 12.65
N ARG A 313 1.27 3.72 12.16
CA ARG A 313 0.09 3.00 12.59
C ARG A 313 -0.01 1.59 11.98
N ALA A 314 0.81 1.32 10.96
CA ALA A 314 1.05 -0.07 10.55
C ALA A 314 1.63 -0.70 11.80
N VAL A 315 1.17 -1.90 12.13
CA VAL A 315 1.58 -2.54 13.36
C VAL A 315 1.45 -4.07 13.31
N ARG A 316 2.35 -4.71 14.05
CA ARG A 316 2.24 -6.10 14.36
C ARG A 316 2.12 -6.19 15.86
N LEU A 317 0.93 -6.47 16.36
CA LEU A 317 0.68 -6.32 17.76
C LEU A 317 1.11 -7.53 18.53
N ASN A 318 1.34 -7.35 19.82
CA ASN A 318 1.65 -8.46 20.70
C ASN A 318 0.43 -9.32 21.04
N ASP A 319 0.68 -10.40 21.77
CA ASP A 319 -0.36 -11.30 22.15
C ASP A 319 -1.39 -10.67 23.07
N LYS A 320 -0.95 -9.85 24.03
CA LYS A 320 -1.89 -9.19 24.96
C LYS A 320 -2.91 -8.31 24.21
N LEU A 321 -2.48 -7.66 23.12
CA LEU A 321 -3.39 -6.82 22.37
CA LEU A 321 -3.35 -6.81 22.33
C LEU A 321 -4.11 -7.56 21.25
N GLY A 322 -4.02 -8.87 21.26
CA GLY A 322 -4.76 -9.72 20.31
C GLY A 322 -3.99 -10.40 19.20
N GLY A 323 -2.76 -9.96 18.94
CA GLY A 323 -1.94 -10.58 17.91
C GLY A 323 -2.21 -10.17 16.46
N GLY A 324 -3.15 -9.26 16.24
CA GLY A 324 -3.51 -8.85 14.87
C GLY A 324 -2.45 -7.93 14.25
N SER A 325 -2.69 -7.49 13.03
CA SER A 325 -1.71 -6.65 12.33
C SER A 325 -2.40 -5.76 11.32
N LEU A 326 -1.70 -4.70 10.94
CA LEU A 326 -2.10 -3.81 9.89
C LEU A 326 -0.85 -3.59 9.03
N THR A 327 -0.93 -4.02 7.78
CA THR A 327 0.19 -3.84 6.79
C THR A 327 -0.13 -2.63 5.96
N ALA A 328 0.88 -1.78 5.69
CA ALA A 328 0.64 -0.58 4.89
C ALA A 328 1.36 -0.65 3.55
N LEU A 329 0.63 -0.38 2.46
CA LEU A 329 1.24 -0.26 1.16
C LEU A 329 1.04 1.13 0.59
N PRO A 330 1.87 2.09 1.01
CA PRO A 330 1.77 3.41 0.41
C PRO A 330 2.33 3.40 -1.00
N ILE A 331 1.78 4.23 -1.90
CA ILE A 331 2.30 4.36 -3.26
C ILE A 331 2.81 5.76 -3.40
N VAL A 332 4.01 5.91 -3.99
CA VAL A 332 4.53 7.23 -4.32
C VAL A 332 4.89 7.30 -5.81
N GLU A 333 4.53 8.42 -6.45
CA GLU A 333 4.86 8.68 -7.83
C GLU A 333 6.10 9.54 -7.93
N THR A 334 7.07 9.11 -8.71
CA THR A 334 8.26 9.89 -8.99
C THR A 334 8.09 10.58 -10.34
N GLN A 335 8.98 11.54 -10.57
CA GLN A 335 9.14 12.20 -11.87
C GLN A 335 10.55 11.94 -12.35
N ALA A 336 10.69 11.39 -13.57
CA ALA A 336 12.00 11.07 -14.13
C ALA A 336 12.79 10.18 -13.17
N ASN A 337 12.10 9.28 -12.47
CA ASN A 337 12.71 8.38 -11.48
C ASN A 337 13.56 9.08 -10.44
N ASP A 338 13.15 10.32 -10.10
CA ASP A 338 13.85 11.10 -9.11
C ASP A 338 13.40 10.69 -7.71
N ILE A 339 14.09 9.67 -7.17
CA ILE A 339 13.81 9.15 -5.83
C ILE A 339 14.54 9.97 -4.77
N SER A 340 15.15 11.07 -5.21
CA SER A 340 15.79 12.00 -4.31
C SER A 340 14.88 13.19 -4.02
N ALA A 341 13.75 13.31 -4.74
CA ALA A 341 12.78 14.37 -4.44
C ALA A 341 12.19 14.23 -3.01
N TYR A 342 11.45 15.25 -2.57
CA TYR A 342 11.05 15.40 -1.17
C TYR A 342 10.11 14.28 -0.64
N ILE A 343 8.95 14.11 -1.26
CA ILE A 343 8.03 13.05 -0.81
C ILE A 343 8.68 11.66 -0.91
N PRO A 344 9.30 11.35 -2.06
CA PRO A 344 10.01 10.08 -2.14
C PRO A 344 10.99 9.86 -1.01
N THR A 345 11.85 10.85 -0.76
CA THR A 345 12.84 10.76 0.32
C THR A 345 12.13 10.58 1.64
N ASN A 346 11.07 11.35 1.88
CA ASN A 346 10.32 11.18 3.13
C ASN A 346 9.87 9.73 3.29
N VAL A 347 9.07 9.24 2.34
CA VAL A 347 8.40 7.94 2.52
C VAL A 347 9.41 6.81 2.44
N ILE A 348 10.47 6.93 1.63
CA ILE A 348 11.49 5.88 1.68
C ILE A 348 11.98 5.75 3.10
N SER A 349 12.20 6.87 3.79
CA SER A 349 12.80 6.85 5.13
C SER A 349 11.87 6.30 6.21
N ILE A 350 10.57 6.36 6.00
CA ILE A 350 9.62 5.90 7.03
C ILE A 350 8.92 4.56 6.71
N THR A 351 9.50 3.80 5.79
CA THR A 351 9.02 2.49 5.42
C THR A 351 10.09 1.42 5.65
N ASP A 352 9.63 0.19 5.93
CA ASP A 352 10.52 -0.95 6.16
C ASP A 352 11.08 -1.55 4.87
N GLY A 353 10.45 -1.27 3.74
CA GLY A 353 10.89 -1.83 2.50
C GLY A 353 10.37 -1.01 1.34
N GLN A 354 11.01 -1.20 0.18
CA GLN A 354 10.71 -0.43 -1.00
C GLN A 354 10.71 -1.32 -2.23
N ILE A 355 9.64 -1.21 -3.03
CA ILE A 355 9.53 -1.87 -4.31
C ILE A 355 9.64 -0.76 -5.36
N TYR A 356 10.71 -0.78 -6.16
CA TYR A 356 10.96 0.27 -7.17
C TYR A 356 10.54 -0.15 -8.56
N LEU A 357 9.67 0.63 -9.22
CA LEU A 357 9.28 0.30 -10.58
CA LEU A 357 9.23 0.34 -10.58
C LEU A 357 9.94 1.30 -11.52
N GLU A 358 10.18 0.88 -12.76
CA GLU A 358 10.93 1.72 -13.68
C GLU A 358 10.33 1.64 -15.08
N PRO A 359 10.35 2.77 -15.80
CA PRO A 359 9.76 2.77 -17.13
C PRO A 359 10.57 2.04 -18.19
N GLY A 360 11.90 1.94 -18.00
CA GLY A 360 12.74 1.19 -18.94
C GLY A 360 12.38 -0.27 -18.93
N LEU A 361 12.24 -0.85 -17.75
CA LEU A 361 11.83 -2.23 -17.63
C LEU A 361 10.43 -2.44 -18.25
N PHE A 362 9.55 -1.53 -17.94
CA PHE A 362 8.19 -1.63 -18.41
C PHE A 362 8.17 -1.65 -19.92
N TYR A 363 8.88 -0.70 -20.51
CA TYR A 363 8.91 -0.55 -21.94
C TYR A 363 9.53 -1.77 -22.62
N ALA A 364 10.53 -2.39 -22.01
CA ALA A 364 11.14 -3.62 -22.56
C ALA A 364 10.24 -4.88 -22.41
N GLY A 365 9.12 -4.77 -21.71
CA GLY A 365 8.25 -5.90 -21.49
C GLY A 365 8.54 -6.67 -20.21
N GLN A 366 9.44 -6.16 -19.37
CA GLN A 366 9.66 -6.75 -18.05
C GLN A 366 8.54 -6.20 -17.16
N ARG A 367 7.44 -6.92 -17.12
CA ARG A 367 6.30 -6.53 -16.34
C ARG A 367 5.86 -7.71 -15.50
N PRO A 368 5.68 -7.49 -14.19
CA PRO A 368 5.82 -6.22 -13.49
C PRO A 368 7.21 -5.61 -13.54
N ALA A 369 7.27 -4.29 -13.68
CA ALA A 369 8.46 -3.54 -13.99
C ALA A 369 9.29 -3.20 -12.75
N ILE A 370 9.55 -4.23 -11.95
CA ILE A 370 10.20 -4.10 -10.64
C ILE A 370 11.68 -4.32 -10.80
N ASN A 371 12.48 -3.42 -10.21
CA ASN A 371 13.90 -3.58 -10.16
C ASN A 371 14.21 -4.43 -8.93
N VAL A 372 14.47 -5.71 -9.13
CA VAL A 372 14.63 -6.61 -8.00
C VAL A 372 15.97 -6.47 -7.32
N GLY A 373 16.95 -5.88 -8.00
CA GLY A 373 18.24 -5.66 -7.37
C GLY A 373 18.22 -4.50 -6.39
N LEU A 374 17.47 -3.44 -6.73
CA LEU A 374 17.37 -2.22 -5.91
C LEU A 374 16.30 -2.35 -4.82
N SER A 375 15.21 -3.06 -5.10
CA SER A 375 14.11 -3.23 -4.12
C SER A 375 14.57 -4.01 -2.90
N VAL A 376 13.95 -3.75 -1.76
CA VAL A 376 14.33 -4.43 -0.54
C VAL A 376 13.20 -4.51 0.44
N SER A 377 13.16 -5.61 1.19
CA SER A 377 12.24 -5.78 2.32
C SER A 377 12.91 -6.51 3.46
N ARG A 378 13.70 -5.75 4.20
CA ARG A 378 14.32 -6.13 5.46
C ARG A 378 13.47 -7.08 6.33
N VAL A 379 12.43 -6.51 6.95
CA VAL A 379 11.61 -7.20 7.95
C VAL A 379 10.85 -8.43 7.41
N GLY A 380 10.66 -8.52 6.10
CA GLY A 380 9.89 -9.64 5.56
C GLY A 380 10.60 -10.98 5.44
N GLY A 381 11.95 -10.97 5.43
CA GLY A 381 12.75 -12.14 5.04
C GLY A 381 12.56 -13.38 5.88
N SER A 382 12.43 -13.16 7.19
CA SER A 382 12.28 -14.26 8.14
C SER A 382 10.88 -14.86 8.10
N ALA A 383 9.87 -14.01 7.87
CA ALA A 383 8.48 -14.46 7.69
C ALA A 383 8.26 -15.34 6.42
N GLN A 384 9.00 -15.05 5.33
CA GLN A 384 8.93 -15.81 4.04
C GLN A 384 8.96 -17.32 4.30
N ILE A 385 8.05 -18.10 3.70
CA ILE A 385 8.08 -19.53 3.98
C ILE A 385 9.35 -20.22 3.47
N LYS A 386 9.65 -21.35 4.12
CA LYS A 386 10.88 -22.06 3.87
C LYS A 386 11.00 -22.48 2.44
N ALA A 387 9.94 -23.05 1.88
CA ALA A 387 9.94 -23.50 0.50
C ALA A 387 10.42 -22.39 -0.39
N LYS A 389 12.16 -19.62 0.61
CA LYS A 389 13.58 -19.37 0.97
C LYS A 389 14.51 -20.34 0.24
N GLN A 390 14.09 -21.59 0.13
CA GLN A 390 14.87 -22.63 -0.55
C GLN A 390 15.11 -22.36 -2.02
N VAL A 391 14.28 -21.56 -2.67
CA VAL A 391 14.54 -21.22 -4.08
C VAL A 391 14.95 -19.76 -4.31
N ALA A 392 14.58 -18.86 -3.38
CA ALA A 392 14.88 -17.42 -3.51
C ALA A 392 16.38 -17.13 -3.35
N GLY A 393 17.09 -17.93 -2.56
CA GLY A 393 18.52 -17.70 -2.35
C GLY A 393 19.34 -17.83 -3.62
N LEU A 395 18.07 -17.86 -6.65
CA LEU A 395 17.55 -16.85 -7.59
C LEU A 395 18.36 -15.59 -7.44
N ARG A 396 18.49 -15.14 -6.21
CA ARG A 396 19.12 -13.88 -5.94
C ARG A 396 20.57 -13.89 -6.41
N ILE A 397 21.25 -14.99 -6.13
CA ILE A 397 22.66 -15.13 -6.52
C ILE A 397 22.81 -15.16 -8.04
N ASP A 398 22.00 -15.98 -8.70
CA ASP A 398 22.05 -16.08 -10.14
C ASP A 398 21.79 -14.72 -10.81
N LEU A 399 20.86 -13.93 -10.25
CA LEU A 399 20.53 -12.62 -10.85
C LEU A 399 21.67 -11.62 -10.60
N ALA A 400 22.26 -11.70 -9.41
CA ALA A 400 23.44 -10.89 -9.05
C ALA A 400 24.58 -11.17 -10.04
N GLN A 401 24.87 -12.45 -10.26
CA GLN A 401 25.92 -12.83 -11.20
C GLN A 401 25.58 -12.34 -12.61
N TYR A 402 24.35 -12.54 -13.03
CA TYR A 402 23.88 -12.04 -14.33
C TYR A 402 24.10 -10.57 -14.51
N ARG A 403 23.73 -9.79 -13.50
CA ARG A 403 23.81 -8.36 -13.68
C ARG A 403 25.27 -7.90 -13.67
N GLU A 404 26.13 -8.55 -12.87
CA GLU A 404 27.57 -8.22 -12.94
C GLU A 404 28.07 -8.40 -14.38
N LEU A 405 27.84 -9.56 -14.94
CA LEU A 405 28.27 -9.88 -16.29
C LEU A 405 27.68 -8.92 -17.31
N GLU A 406 26.46 -8.47 -17.11
CA GLU A 406 25.85 -7.56 -18.11
C GLU A 406 26.50 -6.17 -18.17
N THR A 407 27.27 -5.82 -17.15
CA THR A 407 28.16 -4.65 -17.15
C THR A 407 28.99 -4.51 -18.42
N PHE A 408 29.49 -5.66 -18.91
CA PHE A 408 30.40 -5.73 -20.06
C PHE A 408 30.06 -6.73 -21.13
N ALA A 409 29.15 -7.65 -20.84
CA ALA A 409 28.82 -8.71 -21.79
C ALA A 409 28.64 -8.23 -23.19
N GLN A 410 27.92 -7.14 -23.45
CA GLN A 410 27.70 -6.79 -24.87
C GLN A 410 28.95 -6.27 -25.56
N PHE A 411 29.98 -5.89 -24.81
CA PHE A 411 31.21 -5.42 -25.44
C PHE A 411 32.41 -6.38 -25.38
N ALA A 412 32.19 -7.53 -24.78
CA ALA A 412 33.16 -8.62 -24.63
C ALA A 412 33.63 -9.13 -25.95
N THR A 413 34.94 -9.26 -26.19
CA THR A 413 35.40 -9.91 -27.41
C THR A 413 34.95 -11.42 -27.51
N GLU A 414 34.64 -12.03 -26.36
CA GLU A 414 34.22 -13.42 -26.23
C GLU A 414 33.94 -13.68 -24.76
N LEU A 415 33.08 -14.66 -24.50
CA LEU A 415 32.70 -15.11 -23.16
C LEU A 415 32.84 -16.64 -23.09
N ASP A 416 33.40 -17.17 -22.02
CA ASP A 416 33.60 -18.62 -21.95
C ASP A 416 32.25 -19.37 -21.77
N PRO A 417 32.25 -20.69 -22.00
CA PRO A 417 30.99 -21.42 -21.87
C PRO A 417 30.31 -21.26 -20.53
N ALA A 418 31.08 -21.26 -19.44
CA ALA A 418 30.52 -21.11 -18.09
C ALA A 418 29.78 -19.76 -17.92
N THR A 419 30.38 -18.71 -18.45
CA THR A 419 29.84 -17.34 -18.42
C THR A 419 28.62 -17.25 -19.30
N ARG A 420 28.68 -17.80 -20.49
CA ARG A 420 27.48 -17.86 -21.33
C ARG A 420 26.34 -18.58 -20.63
N ALA A 421 26.66 -19.64 -19.90
CA ALA A 421 25.65 -20.44 -19.19
C ALA A 421 24.96 -19.59 -18.11
N GLN A 422 25.76 -18.83 -17.36
CA GLN A 422 25.29 -17.90 -16.34
C GLN A 422 24.35 -16.84 -16.94
N ILE A 423 24.71 -16.31 -18.11
CA ILE A 423 23.86 -15.33 -18.81
CA ILE A 423 23.89 -15.33 -18.81
C ILE A 423 22.56 -15.97 -19.19
N ILE A 424 22.64 -17.14 -19.81
CA ILE A 424 21.41 -17.84 -20.21
C ILE A 424 20.46 -18.08 -19.02
N ARG A 425 21.02 -18.57 -17.93
CA ARG A 425 20.25 -18.85 -16.71
C ARG A 425 19.55 -17.57 -16.27
N GLY A 426 20.33 -16.51 -16.20
CA GLY A 426 19.82 -15.21 -15.80
C GLY A 426 18.68 -14.75 -16.69
N GLN A 427 18.81 -14.91 -18.02
CA GLN A 427 17.72 -14.51 -18.92
C GLN A 427 16.46 -15.33 -18.65
N ARG A 428 16.63 -16.61 -18.31
CA ARG A 428 15.50 -17.47 -18.05
C ARG A 428 14.78 -17.02 -16.78
N LEU A 429 15.56 -16.71 -15.76
CA LEU A 429 15.03 -16.28 -14.47
C LEU A 429 14.24 -14.96 -14.58
N GLU A 431 12.70 -13.91 -17.21
CA GLU A 431 11.50 -14.24 -17.93
C GLU A 431 10.46 -14.82 -16.97
N LEU A 432 10.91 -15.61 -16.00
CA LEU A 432 10.04 -16.19 -15.01
C LEU A 432 9.45 -15.18 -14.04
N LEU A 433 10.13 -14.04 -13.90
CA LEU A 433 9.66 -12.94 -13.07
C LEU A 433 8.60 -12.07 -13.76
N LYS A 434 8.44 -12.23 -15.08
CA LYS A 434 7.36 -11.58 -15.81
C LYS A 434 6.08 -12.27 -15.42
N GLN A 435 5.00 -11.51 -15.34
CA GLN A 435 3.71 -12.04 -14.91
C GLN A 435 2.60 -11.12 -15.38
N GLU A 436 1.53 -11.70 -15.89
CA GLU A 436 0.44 -10.92 -16.41
C GLU A 436 -0.38 -10.32 -15.28
N GLN A 437 -1.00 -9.20 -15.58
CA GLN A 437 -1.85 -8.53 -14.61
C GLN A 437 -3.07 -9.40 -14.26
N TYR A 438 -3.52 -9.26 -13.02
CA TYR A 438 -4.70 -9.97 -12.48
C TYR A 438 -4.55 -11.49 -12.33
N SER A 439 -3.30 -11.94 -12.26
CA SER A 439 -2.98 -13.38 -12.16
C SER A 439 -2.05 -13.70 -11.01
N PRO A 440 -2.43 -13.34 -9.79
CA PRO A 440 -1.50 -13.70 -8.70
C PRO A 440 -1.46 -15.22 -8.59
N PRO A 442 -0.45 -18.87 -6.43
CA PRO A 442 -0.27 -19.50 -5.14
C PRO A 442 1.20 -19.71 -4.84
N VAL A 443 1.59 -19.64 -3.57
CA VAL A 443 3.00 -19.73 -3.22
C VAL A 443 3.62 -21.06 -3.68
N GLU A 444 2.88 -22.17 -3.54
CA GLU A 444 3.45 -23.46 -3.91
C GLU A 444 3.76 -23.60 -5.40
N GLU A 445 2.97 -22.92 -6.25
CA GLU A 445 3.21 -22.85 -7.68
C GLU A 445 4.40 -21.93 -8.01
N GLN A 446 4.51 -20.82 -7.29
CA GLN A 446 5.66 -19.98 -7.45
C GLN A 446 6.87 -20.79 -7.17
N VAL A 447 6.83 -21.57 -6.09
CA VAL A 447 8.00 -22.37 -5.69
C VAL A 447 8.42 -23.37 -6.78
N VAL A 448 7.51 -24.17 -7.31
CA VAL A 448 7.91 -25.20 -8.28
C VAL A 448 8.42 -24.56 -9.60
N VAL A 449 7.80 -23.47 -10.01
CA VAL A 449 8.22 -22.73 -11.22
C VAL A 449 9.59 -22.12 -11.05
N LEU A 450 9.83 -21.50 -9.90
CA LEU A 450 11.16 -20.91 -9.63
C LEU A 450 12.23 -22.00 -9.42
N PHE A 451 11.83 -23.15 -8.89
CA PHE A 451 12.72 -24.30 -8.76
C PHE A 451 13.23 -24.73 -10.15
N ALA A 452 12.30 -24.91 -11.07
CA ALA A 452 12.64 -25.22 -12.45
C ALA A 452 13.66 -24.23 -12.98
N GLY A 453 13.47 -22.94 -12.72
CA GLY A 453 14.45 -21.97 -13.20
C GLY A 453 15.81 -22.08 -12.52
N VAL A 454 15.84 -22.00 -11.21
CA VAL A 454 17.12 -21.94 -10.52
C VAL A 454 17.92 -23.22 -10.74
N ARG A 455 17.22 -24.35 -10.95
CA ARG A 455 17.89 -25.62 -11.17
C ARG A 455 18.32 -25.86 -12.60
N GLY A 456 18.00 -24.95 -13.50
CA GLY A 456 18.53 -25.00 -14.87
C GLY A 456 17.63 -25.59 -15.94
N TYR A 457 16.42 -25.98 -15.56
CA TYR A 457 15.58 -26.72 -16.48
C TYR A 457 14.99 -25.89 -17.61
N LEU A 458 15.17 -24.58 -17.62
CA LEU A 458 14.69 -23.79 -18.75
C LEU A 458 15.85 -23.35 -19.62
N ASP A 459 17.08 -23.65 -19.19
CA ASP A 459 18.24 -23.14 -19.92
C ASP A 459 18.25 -23.53 -21.39
N ASP A 460 17.85 -24.77 -21.69
CA ASP A 460 17.86 -25.22 -23.07
C ASP A 460 16.64 -24.82 -23.91
N LEU A 461 15.71 -24.03 -23.38
CA LEU A 461 14.60 -23.52 -24.20
C LEU A 461 14.89 -22.12 -24.66
N PRO A 462 14.36 -21.76 -25.83
CA PRO A 462 14.36 -20.37 -26.23
C PRO A 462 13.65 -19.49 -25.18
N VAL A 463 14.21 -18.30 -24.95
CA VAL A 463 13.71 -17.40 -23.94
C VAL A 463 12.25 -17.04 -24.22
N GLU A 464 11.92 -16.88 -25.50
CA GLU A 464 10.55 -16.55 -25.90
C GLU A 464 9.52 -17.63 -25.56
N GLU A 465 9.96 -18.80 -25.15
CA GLU A 465 9.06 -19.91 -24.84
C GLU A 465 8.90 -20.21 -23.37
N VAL A 466 9.60 -19.47 -22.52
CA VAL A 466 9.50 -19.66 -21.08
C VAL A 466 8.07 -19.45 -20.56
N ARG A 467 7.38 -18.41 -21.03
CA ARG A 467 6.01 -18.12 -20.55
C ARG A 467 5.10 -19.33 -20.82
N ARG A 468 5.12 -19.82 -22.05
CA ARG A 468 4.34 -20.98 -22.41
C ARG A 468 4.73 -22.22 -21.62
N PHE A 469 6.01 -22.45 -21.43
CA PHE A 469 6.48 -23.58 -20.66
C PHE A 469 5.90 -23.54 -19.25
N GLU A 470 5.93 -22.36 -18.67
CA GLU A 470 5.38 -22.13 -17.34
C GLU A 470 3.91 -22.45 -17.29
N LYS A 471 3.16 -21.94 -18.27
CA LYS A 471 1.71 -22.19 -18.34
C LYS A 471 1.44 -23.66 -18.50
N GLU A 472 2.11 -24.31 -19.44
CA GLU A 472 1.91 -25.73 -19.67
C GLU A 472 2.41 -26.61 -18.53
N PHE A 473 3.55 -26.21 -17.93
CA PHE A 473 4.08 -26.95 -16.79
C PHE A 473 3.10 -27.00 -15.62
N LEU A 474 2.46 -25.88 -15.32
CA LEU A 474 1.61 -25.83 -14.14
C LEU A 474 0.32 -26.66 -14.35
N ARG A 475 -0.23 -26.63 -15.57
CA ARG A 475 -1.34 -27.54 -15.93
C ARG A 475 -0.91 -28.96 -15.69
N PHE A 476 0.29 -29.29 -16.20
CA PHE A 476 0.87 -30.61 -16.05
C PHE A 476 1.01 -31.01 -14.60
N HIS A 478 -0.80 -29.95 -12.03
CA HIS A 478 -2.15 -30.25 -11.49
C HIS A 478 -2.71 -31.57 -12.05
N GLU A 479 -2.43 -31.82 -13.31
CA GLU A 479 -2.96 -32.99 -13.98
C GLU A 479 -2.31 -34.27 -13.48
N LYS A 480 -1.00 -34.25 -13.25
CA LYS A 480 -0.29 -35.47 -12.92
C LYS A 480 0.50 -35.48 -11.61
N HIS A 481 0.64 -34.35 -10.95
CA HIS A 481 1.47 -34.28 -9.74
C HIS A 481 0.93 -33.33 -8.67
N GLN A 482 -0.40 -33.31 -8.53
CA GLN A 482 -1.04 -32.45 -7.55
C GLN A 482 -0.50 -32.69 -6.15
N ASP A 483 -0.12 -33.93 -5.90
CA ASP A 483 0.35 -34.30 -4.58
C ASP A 483 1.64 -33.55 -4.19
N ILE A 484 2.45 -33.19 -5.19
CA ILE A 484 3.68 -32.39 -4.96
C ILE A 484 3.31 -30.96 -4.50
N LEU A 485 2.39 -30.36 -5.24
CA LEU A 485 1.90 -29.03 -4.89
C LEU A 485 1.26 -29.08 -3.52
N ASP A 486 0.43 -30.08 -3.27
CA ASP A 486 -0.22 -30.22 -1.97
C ASP A 486 0.78 -30.35 -0.81
N ASP A 487 1.87 -31.06 -1.06
CA ASP A 487 2.85 -31.28 -0.02
C ASP A 487 3.61 -30.02 0.32
N ILE A 488 4.10 -29.34 -0.71
CA ILE A 488 4.77 -28.02 -0.53
C ILE A 488 3.83 -27.05 0.20
N LYS A 489 2.60 -26.99 -0.27
CA LYS A 489 1.61 -26.14 0.37
C LYS A 489 1.45 -26.47 1.85
N THR A 490 1.24 -27.73 2.18
CA THR A 490 0.93 -28.12 3.56
C THR A 490 2.15 -27.96 4.46
N LYS A 491 3.31 -28.40 3.98
CA LYS A 491 4.52 -28.40 4.80
C LYS A 491 5.25 -27.07 4.80
N LYS A 492 5.03 -26.27 3.76
CA LYS A 492 5.62 -24.96 3.61
C LYS A 492 7.13 -25.03 3.40
N GLU A 493 7.60 -26.24 3.09
CA GLU A 493 8.99 -26.47 2.70
C GLU A 493 8.99 -27.51 1.58
N LEU A 494 10.12 -27.61 0.89
CA LEU A 494 10.34 -28.63 -0.11
C LEU A 494 11.24 -29.69 0.54
N THR A 495 10.65 -30.81 0.94
CA THR A 495 11.40 -31.92 1.54
C THR A 495 12.20 -32.64 0.45
N SER A 496 13.21 -33.42 0.86
CA SER A 496 14.12 -34.08 -0.10
C SER A 496 13.37 -35.04 -0.98
N GLU A 497 12.41 -35.67 -0.34
CA GLU A 497 11.55 -36.64 -0.98
CA GLU A 497 11.53 -36.64 -0.97
C GLU A 497 10.73 -35.95 -2.07
N THR A 498 10.03 -34.86 -1.71
CA THR A 498 9.22 -34.11 -2.68
C THR A 498 10.11 -33.43 -3.71
N GLU A 499 11.28 -32.98 -3.29
CA GLU A 499 12.24 -32.40 -4.20
C GLU A 499 12.64 -33.38 -5.30
N GLU A 500 12.93 -34.62 -4.90
CA GLU A 500 13.28 -35.62 -5.88
C GLU A 500 12.17 -35.87 -6.87
N LYS A 501 10.95 -36.00 -6.35
CA LYS A 501 9.80 -36.19 -7.23
C LYS A 501 9.60 -35.05 -8.21
N LEU A 502 9.90 -33.83 -7.73
CA LEU A 502 9.75 -32.62 -8.51
C LEU A 502 10.75 -32.64 -9.65
N LYS A 503 11.99 -32.98 -9.33
CA LYS A 503 13.03 -33.10 -10.34
C LYS A 503 12.55 -34.02 -11.45
N LYS A 504 11.99 -35.17 -11.06
CA LYS A 504 11.51 -36.16 -12.01
C LYS A 504 10.29 -35.68 -12.79
N ALA A 505 9.39 -34.94 -12.14
CA ALA A 505 8.20 -34.39 -12.83
C ALA A 505 8.60 -33.37 -13.89
N ILE A 506 9.59 -32.56 -13.58
CA ILE A 506 10.03 -31.54 -14.54
C ILE A 506 10.63 -32.25 -15.74
N GLU A 507 11.55 -33.18 -15.48
CA GLU A 507 12.20 -33.98 -16.55
C GLU A 507 11.09 -34.67 -17.39
N GLU A 508 10.09 -35.20 -16.71
CA GLU A 508 8.98 -35.87 -17.39
C GLU A 508 8.21 -34.92 -18.31
N PHE A 509 7.95 -33.71 -17.81
CA PHE A 509 7.25 -32.73 -18.59
C PHE A 509 8.06 -32.35 -19.82
N LYS A 510 9.36 -32.16 -19.64
CA LYS A 510 10.22 -31.74 -20.74
C LYS A 510 10.20 -32.75 -21.89
N THR A 511 10.20 -34.02 -21.52
CA THR A 511 9.95 -35.13 -22.44
C THR A 511 8.91 -34.89 -23.50
N THR A 512 7.82 -34.20 -23.17
CA THR A 512 6.75 -34.00 -24.13
C THR A 512 6.50 -32.54 -24.56
N PHE A 513 7.24 -31.60 -23.97
CA PHE A 513 7.05 -30.20 -24.30
C PHE A 513 7.55 -29.88 -25.71
N ARG A 514 6.69 -29.29 -26.53
CA ARG A 514 7.03 -28.94 -27.91
C ARG A 514 7.69 -27.57 -28.00
N VAL A 515 8.99 -27.57 -28.27
CA VAL A 515 9.76 -26.36 -28.49
C VAL A 515 9.33 -25.77 -29.84
#